data_4GZP
#
_entry.id   4GZP
#
_cell.length_a   110.123
_cell.length_b   110.123
_cell.length_c   78.274
_cell.angle_alpha   90.00
_cell.angle_beta   90.00
_cell.angle_gamma   90.00
#
_symmetry.space_group_name_H-M   'P 4 21 2'
#
loop_
_entity.id
_entity.type
_entity.pdbx_description
1 polymer Neuraminidase
2 branched alpha-D-mannopyranose-(1-3)-[alpha-D-mannopyranose-(1-6)]beta-D-mannopyranose-(1-4)-2-acetamido-2-deoxy-beta-D-glucopyranose-(1-4)-2-acetamido-2-deoxy-beta-D-glucopyranose
3 branched 2-acetamido-2-deoxy-beta-D-glucopyranose-(1-4)-2-acetamido-2-deoxy-beta-D-glucopyranose
4 non-polymer 2-acetamido-2-deoxy-beta-D-glucopyranose
5 non-polymer 'CALCIUM ION'
6 non-polymer '(3R,4R,5S)-4-(acetylamino)-5-amino-3-(pentan-3-yloxy)cyclohex-1-ene-1-carboxylic acid'
7 water water
#
_entity_poly.entity_id   1
_entity_poly.type   'polypeptide(L)'
_entity_poly.pdbx_seq_one_letter_code
;GSPSRAEYRNWSKPQCDITGFAPFSKDNSIRLSAGGDIWVTREPYVSCDPDKCYQFALGQGTTLNNVHSNNTVRDRTPYR
TLLMNELGVPFHLGTKQVCIAWSSSSCHDGKAWLHVCITGDDKNATASFIYNGRLVDSVVSWSKEILRTQESECVCINGT
CTVVMTDGSASGKADTKILFIEEGKIVHTSTLSGSAQHVEECSCYPRYPGVRCVCRDNWKGSNRPIVDINIKDHSIVSSY
VCSGLVGDTPRKNDSSSSSHCLDPNNEEGGHGVKGWAFDDGNDVWMGRTINETSRLGYETFKVIEGWSNPKSKLQINRQV
IVDRGNRSGYSGIFSVEGKSCINRCFYVELIRGRKEETEVLWTSNSIVVFCGTSGTYGTGSWPDGADLNLMPI
;
_entity_poly.pdbx_strand_id   A
#
# COMPACT_ATOMS: atom_id res chain seq x y z
N ALA A 6 -3.45 17.58 -22.53
CA ALA A 6 -3.64 16.81 -21.27
C ALA A 6 -4.41 17.62 -20.25
N GLU A 7 -5.40 16.97 -19.63
CA GLU A 7 -6.23 17.58 -18.59
C GLU A 7 -5.96 16.87 -17.25
N TYR A 8 -6.23 17.56 -16.14
CA TYR A 8 -6.11 16.97 -14.83
C TYR A 8 -7.16 15.86 -14.68
N ARG A 9 -6.82 14.81 -13.93
CA ARG A 9 -7.80 13.77 -13.60
C ARG A 9 -8.72 14.23 -12.49
N ASN A 10 -10.00 13.87 -12.59
CA ASN A 10 -10.98 14.22 -11.56
C ASN A 10 -11.59 12.98 -10.97
N TRP A 11 -11.51 11.88 -11.71
CA TRP A 11 -12.17 10.63 -11.33
C TRP A 11 -13.69 10.81 -11.08
N SER A 12 -14.32 11.70 -11.84
CA SER A 12 -15.74 12.00 -11.63
C SER A 12 -16.61 11.02 -12.41
N LYS A 13 -16.36 9.74 -12.15
CA LYS A 13 -17.10 8.64 -12.78
C LYS A 13 -17.45 7.67 -11.68
N PRO A 14 -18.56 6.89 -11.83
CA PRO A 14 -18.90 5.95 -10.76
C PRO A 14 -17.90 4.80 -10.68
N GLN A 15 -17.84 4.16 -9.52
CA GLN A 15 -17.02 2.98 -9.34
C GLN A 15 -17.60 1.77 -10.10
N CYS A 16 -16.74 1.01 -10.77
CA CYS A 16 -17.16 -0.16 -11.54
C CYS A 16 -17.87 -1.20 -10.67
N ASP A 17 -18.88 -1.85 -11.22
CA ASP A 17 -19.40 -3.08 -10.63
C ASP A 17 -18.24 -4.05 -10.44
N ILE A 18 -18.14 -4.61 -9.25
CA ILE A 18 -17.10 -5.58 -8.98
C ILE A 18 -17.73 -6.84 -8.43
N THR A 19 -17.42 -7.96 -9.07
CA THR A 19 -17.94 -9.23 -8.62
C THR A 19 -16.77 -10.04 -8.03
N GLY A 20 -15.60 -9.41 -7.96
CA GLY A 20 -14.34 -10.09 -7.59
C GLY A 20 -13.18 -9.58 -8.45
N PHE A 21 -12.07 -10.29 -8.40
CA PHE A 21 -10.84 -9.81 -9.04
C PHE A 21 -10.25 -10.80 -10.04
N ALA A 22 -9.74 -10.25 -11.15
CA ALA A 22 -9.06 -11.03 -12.21
C ALA A 22 -7.54 -10.78 -12.14
N PRO A 23 -6.74 -11.77 -12.57
CA PRO A 23 -5.28 -11.62 -12.60
C PRO A 23 -4.83 -10.58 -13.61
N PHE A 24 -3.86 -9.74 -13.24
CA PHE A 24 -3.45 -8.62 -14.06
C PHE A 24 -1.95 -8.62 -14.39
N SER A 25 -1.11 -8.88 -13.38
CA SER A 25 0.35 -8.79 -13.55
C SER A 25 1.09 -9.61 -12.51
N LYS A 26 2.32 -10.02 -12.84
CA LYS A 26 3.22 -10.74 -11.92
C LYS A 26 4.66 -10.72 -12.44
N ASP A 27 5.63 -10.27 -11.63
CA ASP A 27 6.96 -10.06 -12.18
C ASP A 27 8.01 -11.15 -11.91
N ASN A 28 7.71 -12.12 -11.03
CA ASN A 28 8.66 -13.24 -10.80
C ASN A 28 10.06 -12.75 -10.52
N SER A 29 10.12 -11.59 -9.88
CA SER A 29 11.36 -10.89 -9.56
C SER A 29 12.43 -11.76 -8.87
N ILE A 30 12.06 -12.54 -7.85
CA ILE A 30 13.05 -13.35 -7.11
C ILE A 30 13.51 -14.55 -7.91
N ARG A 31 12.59 -15.13 -8.67
CA ARG A 31 12.91 -16.24 -9.57
C ARG A 31 13.89 -15.78 -10.62
N LEU A 32 13.65 -14.59 -11.18
CA LEU A 32 14.53 -14.08 -12.19
C LEU A 32 15.92 -13.79 -11.59
N SER A 33 15.94 -13.38 -10.32
CA SER A 33 17.18 -12.94 -9.68
C SER A 33 18.17 -14.06 -9.34
N ALA A 34 17.83 -15.31 -9.65
CA ALA A 34 18.73 -16.43 -9.45
C ALA A 34 19.61 -16.62 -10.69
N GLY A 35 19.20 -15.98 -11.79
CA GLY A 35 19.98 -16.00 -13.01
C GLY A 35 19.78 -14.69 -13.73
N GLY A 36 20.10 -13.60 -13.05
CA GLY A 36 19.93 -12.26 -13.60
C GLY A 36 20.30 -11.19 -12.60
N ASP A 37 20.51 -9.98 -13.10
CA ASP A 37 20.78 -8.83 -12.24
C ASP A 37 19.49 -8.08 -11.90
N ILE A 38 18.93 -8.42 -10.74
CA ILE A 38 17.67 -7.88 -10.28
C ILE A 38 17.88 -7.19 -8.94
N TRP A 39 17.23 -6.05 -8.78
CA TRP A 39 17.26 -5.27 -7.55
C TRP A 39 16.63 -6.01 -6.37
N VAL A 40 17.24 -5.83 -5.21
CA VAL A 40 16.61 -6.12 -3.94
C VAL A 40 15.61 -4.97 -3.64
N THR A 41 14.37 -5.32 -3.35
CA THR A 41 13.37 -4.32 -3.00
C THR A 41 12.54 -4.73 -1.78
N ARG A 42 11.73 -3.79 -1.31
CA ARG A 42 10.55 -4.06 -0.51
C ARG A 42 9.57 -2.88 -0.68
N GLU A 43 8.42 -2.93 -0.01
CA GLU A 43 7.40 -1.86 -0.04
C GLU A 43 7.03 -1.48 -1.47
N PRO A 44 6.68 -2.48 -2.29
CA PRO A 44 6.37 -2.20 -3.67
C PRO A 44 4.96 -1.61 -3.78
N TYR A 45 4.60 -1.16 -4.98
CA TYR A 45 3.25 -0.63 -5.24
C TYR A 45 3.05 -0.28 -6.71
N VAL A 46 1.80 -0.03 -7.08
CA VAL A 46 1.44 0.21 -8.46
C VAL A 46 0.66 1.50 -8.57
N SER A 47 0.90 2.26 -9.62
CA SER A 47 0.15 3.47 -9.93
C SER A 47 0.29 3.62 -11.43
N CYS A 48 -0.63 4.36 -12.03
CA CYS A 48 -0.82 4.36 -13.47
C CYS A 48 -1.09 5.77 -13.97
N ASP A 49 -0.41 6.13 -15.06
CA ASP A 49 -0.68 7.40 -15.74
C ASP A 49 -1.95 7.17 -16.54
N PRO A 50 -2.51 8.19 -17.20
CA PRO A 50 -3.76 7.92 -17.93
C PRO A 50 -3.68 6.80 -18.97
N ASP A 51 -2.48 6.46 -19.44
CA ASP A 51 -2.32 5.42 -20.47
C ASP A 51 -2.03 4.04 -19.93
N LYS A 52 -1.21 3.97 -18.87
CA LYS A 52 -0.59 2.70 -18.54
C LYS A 52 -0.02 2.67 -17.13
N CYS A 53 0.22 1.46 -16.67
CA CYS A 53 0.53 1.22 -15.29
C CYS A 53 2.01 1.08 -15.09
N TYR A 54 2.45 1.48 -13.89
CA TYR A 54 3.82 1.41 -13.46
C TYR A 54 3.98 0.67 -12.12
N GLN A 55 5.05 -0.09 -11.96
CA GLN A 55 5.36 -0.69 -10.65
C GLN A 55 6.52 0.05 -9.99
N PHE A 56 6.29 0.42 -8.75
CA PHE A 56 7.29 1.07 -7.92
C PHE A 56 7.67 0.13 -6.80
N ALA A 57 8.85 0.33 -6.23
CA ALA A 57 9.31 -0.34 -5.01
C ALA A 57 10.48 0.45 -4.41
N LEU A 58 10.84 0.18 -3.16
CA LEU A 58 12.00 0.84 -2.55
C LEU A 58 13.19 -0.08 -2.69
N GLY A 59 14.20 0.36 -3.42
CA GLY A 59 15.39 -0.46 -3.59
C GLY A 59 16.23 -0.44 -2.34
N GLN A 60 17.12 -1.43 -2.22
CA GLN A 60 18.09 -1.43 -1.16
C GLN A 60 19.45 -1.04 -1.75
N GLY A 61 19.42 -0.24 -2.81
CA GLY A 61 20.65 0.15 -3.51
C GLY A 61 21.61 -0.99 -3.82
N THR A 62 21.08 -2.19 -4.03
CA THR A 62 21.87 -3.35 -4.40
C THR A 62 21.04 -4.28 -5.27
N THR A 63 21.72 -5.20 -5.95
CA THR A 63 21.06 -6.27 -6.67
C THR A 63 21.12 -7.47 -5.77
N LEU A 64 20.34 -8.50 -6.09
CA LEU A 64 20.23 -9.63 -5.20
C LEU A 64 21.54 -10.44 -5.15
N ASN A 65 22.04 -10.81 -6.32
CA ASN A 65 23.29 -11.54 -6.42
C ASN A 65 24.47 -10.58 -6.36
N ASN A 66 24.75 -10.11 -5.15
CA ASN A 66 25.59 -8.94 -4.92
C ASN A 66 25.92 -9.01 -3.43
N VAL A 67 27.19 -8.82 -3.07
CA VAL A 67 27.59 -8.84 -1.65
C VAL A 67 26.76 -7.88 -0.78
N HIS A 68 26.32 -6.77 -1.37
CA HIS A 68 25.61 -5.73 -0.63
C HIS A 68 24.18 -6.09 -0.27
N SER A 69 23.71 -7.26 -0.71
CA SER A 69 22.37 -7.74 -0.34
C SER A 69 22.29 -8.35 1.07
N ASN A 70 23.44 -8.61 1.70
CA ASN A 70 23.48 -9.07 3.09
C ASN A 70 22.88 -8.00 3.99
N ASN A 71 21.97 -8.41 4.86
CA ASN A 71 21.36 -7.50 5.85
C ASN A 71 20.41 -6.45 5.22
N THR A 72 19.75 -6.81 4.14
CA THR A 72 18.79 -5.89 3.50
C THR A 72 17.43 -5.93 4.21
N VAL A 73 17.43 -6.53 5.40
CA VAL A 73 16.28 -6.60 6.27
C VAL A 73 15.97 -5.24 6.90
N ARG A 74 16.99 -4.39 7.01
CA ARG A 74 16.88 -3.04 7.57
C ARG A 74 15.95 -2.17 6.73
N ASP A 75 15.28 -1.22 7.37
CA ASP A 75 14.22 -0.46 6.74
C ASP A 75 14.69 0.85 6.12
N ARG A 76 15.61 1.53 6.81
CA ARG A 76 16.10 2.85 6.38
C ARG A 76 17.65 2.87 6.32
N THR A 77 18.16 2.90 5.09
CA THR A 77 19.59 3.16 4.79
C THR A 77 19.65 4.34 3.80
N PRO A 78 20.82 5.03 3.70
CA PRO A 78 20.92 6.14 2.72
C PRO A 78 20.99 5.65 1.26
N TYR A 79 20.92 4.34 1.04
CA TYR A 79 21.09 3.75 -0.28
C TYR A 79 19.77 3.36 -0.93
N ARG A 80 18.68 3.43 -0.16
CA ARG A 80 17.38 3.15 -0.68
C ARG A 80 16.86 4.25 -1.58
N THR A 81 16.35 3.84 -2.74
CA THR A 81 15.75 4.75 -3.72
C THR A 81 14.41 4.18 -4.17
N LEU A 82 13.52 5.05 -4.63
CA LEU A 82 12.28 4.62 -5.25
C LEU A 82 12.53 4.15 -6.69
N LEU A 83 12.20 2.89 -6.97
CA LEU A 83 12.34 2.30 -8.31
C LEU A 83 11.06 2.50 -9.11
N MET A 84 11.19 2.63 -10.42
CA MET A 84 9.99 2.81 -11.24
C MET A 84 10.17 2.16 -12.60
N ASN A 85 9.29 1.22 -12.92
CA ASN A 85 9.25 0.61 -14.25
C ASN A 85 7.80 0.63 -14.72
N GLU A 86 7.60 0.33 -15.99
CA GLU A 86 6.28 -0.07 -16.46
C GLU A 86 5.93 -1.40 -15.84
N LEU A 87 4.62 -1.59 -15.59
CA LEU A 87 4.15 -2.75 -14.87
C LEU A 87 4.48 -4.01 -15.66
N GLY A 88 5.19 -4.95 -15.01
CA GLY A 88 5.54 -6.22 -15.64
C GLY A 88 6.97 -6.27 -16.13
N VAL A 89 7.65 -5.12 -16.09
CA VAL A 89 9.09 -5.08 -16.34
C VAL A 89 9.74 -5.23 -14.98
N PRO A 90 10.49 -6.32 -14.76
CA PRO A 90 11.11 -6.54 -13.46
C PRO A 90 12.23 -5.53 -13.23
N PHE A 91 12.54 -5.26 -11.98
CA PHE A 91 13.51 -4.25 -11.64
C PHE A 91 14.94 -4.71 -11.97
N HIS A 92 15.30 -4.52 -13.24
CA HIS A 92 16.62 -4.82 -13.78
C HIS A 92 17.53 -3.61 -13.63
N LEU A 93 18.73 -3.67 -14.20
CA LEU A 93 19.70 -2.60 -14.05
C LEU A 93 19.45 -1.32 -14.83
N GLY A 94 18.56 -1.37 -15.82
CA GLY A 94 18.17 -0.16 -16.53
C GLY A 94 16.96 0.51 -15.88
N THR A 95 16.62 0.06 -14.67
CA THR A 95 15.53 0.64 -13.92
C THR A 95 15.91 2.02 -13.40
N LYS A 96 15.02 2.99 -13.61
CA LYS A 96 15.21 4.32 -13.11
C LYS A 96 14.88 4.46 -11.60
N GLN A 97 15.83 4.99 -10.84
CA GLN A 97 15.60 5.41 -9.47
C GLN A 97 15.06 6.83 -9.54
N VAL A 98 13.82 7.07 -9.13
CA VAL A 98 13.22 8.40 -9.41
C VAL A 98 13.48 9.44 -8.31
N CYS A 99 14.02 8.96 -7.19
CA CYS A 99 14.36 9.79 -6.04
C CYS A 99 15.00 8.92 -4.95
N ILE A 100 15.60 9.56 -3.94
CA ILE A 100 16.15 8.89 -2.75
C ILE A 100 15.01 8.74 -1.74
N ALA A 101 14.85 7.55 -1.18
CA ALA A 101 13.65 7.29 -0.37
C ALA A 101 13.71 5.97 0.39
N TRP A 102 13.47 6.01 1.70
CA TRP A 102 13.13 4.78 2.44
C TRP A 102 11.65 4.76 2.86
N SER A 103 10.88 5.71 2.34
CA SER A 103 9.43 5.77 2.45
C SER A 103 8.93 6.65 1.31
N SER A 104 7.87 6.23 0.64
CA SER A 104 7.40 7.00 -0.52
C SER A 104 5.94 6.79 -0.88
N SER A 105 5.47 7.66 -1.80
CA SER A 105 4.14 7.63 -2.39
C SER A 105 4.19 8.35 -3.74
N SER A 106 3.46 7.83 -4.72
CA SER A 106 3.45 8.39 -6.08
C SER A 106 2.04 8.49 -6.65
N CYS A 107 1.82 9.47 -7.50
CA CYS A 107 0.56 9.57 -8.24
C CYS A 107 0.73 10.50 -9.40
N HIS A 108 -0.16 10.36 -10.36
CA HIS A 108 -0.14 11.14 -11.57
C HIS A 108 -1.46 11.94 -11.56
N ASP A 109 -1.38 13.24 -11.84
CA ASP A 109 -2.55 14.08 -11.74
C ASP A 109 -3.27 14.22 -13.07
N GLY A 110 -2.77 13.50 -14.08
CA GLY A 110 -3.25 13.64 -15.44
C GLY A 110 -2.29 14.38 -16.35
N LYS A 111 -1.39 15.17 -15.76
CA LYS A 111 -0.40 15.91 -16.52
C LYS A 111 1.00 15.37 -16.25
N ALA A 112 1.31 15.19 -14.97
CA ALA A 112 2.63 14.75 -14.61
C ALA A 112 2.65 13.93 -13.32
N TRP A 113 3.76 13.27 -13.08
CA TRP A 113 3.97 12.45 -11.91
C TRP A 113 4.35 13.28 -10.73
N LEU A 114 3.68 13.07 -9.58
CA LEU A 114 4.25 13.41 -8.28
C LEU A 114 4.96 12.21 -7.64
N HIS A 115 6.10 12.47 -6.99
CA HIS A 115 6.68 11.53 -6.06
C HIS A 115 6.86 12.23 -4.72
N VAL A 116 6.59 11.47 -3.65
CA VAL A 116 6.81 11.94 -2.28
C VAL A 116 7.82 10.98 -1.69
N CYS A 117 9.04 11.47 -1.45
CA CYS A 117 10.18 10.61 -1.12
C CYS A 117 10.80 11.05 0.19
N ILE A 118 10.85 10.14 1.15
CA ILE A 118 11.40 10.50 2.45
C ILE A 118 12.67 9.72 2.67
N THR A 119 13.71 10.45 3.07
CA THR A 119 14.99 9.87 3.40
C THR A 119 15.69 10.72 4.50
N GLY A 120 16.88 10.29 4.92
CA GLY A 120 17.64 10.99 5.95
C GLY A 120 17.50 10.37 7.34
N ASP A 121 18.14 10.99 8.33
CA ASP A 121 18.14 10.54 9.74
C ASP A 121 16.77 10.19 10.28
N ASP A 122 16.67 9.10 11.06
CA ASP A 122 15.39 8.74 11.72
C ASP A 122 14.76 9.95 12.42
N LYS A 123 15.58 10.63 13.23
CA LYS A 123 15.12 11.69 14.14
C LYS A 123 15.04 13.06 13.47
N ASN A 124 15.26 13.12 12.15
CA ASN A 124 15.23 14.38 11.39
C ASN A 124 15.19 14.18 9.86
N ALA A 125 14.26 13.35 9.40
CA ALA A 125 14.12 13.01 7.99
C ALA A 125 13.55 14.15 7.15
N THR A 126 13.76 14.05 5.83
CA THR A 126 13.28 15.05 4.90
C THR A 126 12.36 14.38 3.88
N ALA A 127 11.21 14.97 3.66
CA ALA A 127 10.33 14.57 2.57
C ALA A 127 10.56 15.51 1.40
N SER A 128 10.88 14.94 0.24
CA SER A 128 11.01 15.69 -1.00
C SER A 128 9.78 15.53 -1.88
N PHE A 129 9.35 16.61 -2.51
CA PHE A 129 8.17 16.59 -3.37
C PHE A 129 8.58 16.86 -4.81
N ILE A 130 8.47 15.82 -5.63
CA ILE A 130 9.02 15.90 -6.97
C ILE A 130 7.88 15.85 -7.97
N TYR A 131 7.77 16.87 -8.80
CA TYR A 131 6.68 16.91 -9.77
C TYR A 131 7.26 17.25 -11.14
N ASN A 132 6.92 16.42 -12.12
CA ASN A 132 7.25 16.71 -13.51
C ASN A 132 8.73 16.85 -13.70
N GLY A 133 9.46 15.91 -13.11
CA GLY A 133 10.89 15.81 -13.27
C GLY A 133 11.68 16.83 -12.48
N ARG A 134 11.03 17.57 -11.57
CA ARG A 134 11.72 18.58 -10.76
C ARG A 134 11.28 18.64 -9.30
N LEU A 135 12.21 19.04 -8.44
CA LEU A 135 11.94 19.23 -7.03
C LEU A 135 11.23 20.56 -6.83
N VAL A 136 10.03 20.52 -6.24
CA VAL A 136 9.19 21.71 -6.06
C VAL A 136 9.05 22.12 -4.57
N ASP A 137 9.31 21.20 -3.65
CA ASP A 137 9.09 21.46 -2.24
C ASP A 137 9.72 20.39 -1.39
N SER A 138 9.72 20.62 -0.08
CA SER A 138 10.09 19.61 0.88
C SER A 138 9.65 20.06 2.26
N VAL A 139 9.53 19.12 3.19
CA VAL A 139 9.21 19.44 4.58
C VAL A 139 10.11 18.58 5.49
N VAL A 140 10.50 19.14 6.64
CA VAL A 140 11.15 18.35 7.70
C VAL A 140 10.13 17.52 8.43
N SER A 141 10.66 16.46 9.02
CA SER A 141 10.02 15.77 10.09
C SER A 141 9.50 16.78 11.12
N TRP A 142 8.27 16.61 11.55
CA TRP A 142 7.68 17.54 12.54
C TRP A 142 7.77 17.05 13.98
N SER A 143 7.80 15.74 14.15
CA SER A 143 7.83 15.14 15.47
C SER A 143 9.10 14.31 15.69
N LYS A 144 10.02 14.40 14.74
CA LYS A 144 11.39 13.87 14.91
C LYS A 144 11.44 12.40 15.24
N GLU A 145 10.50 11.63 14.69
CA GLU A 145 10.48 10.18 14.90
C GLU A 145 9.98 9.41 13.67
N ILE A 146 10.84 9.31 12.65
CA ILE A 146 10.59 8.47 11.47
C ILE A 146 9.40 8.97 10.66
N LEU A 147 9.54 10.17 10.11
CA LEU A 147 8.54 10.72 9.19
C LEU A 147 8.40 9.69 8.08
N ARG A 148 7.16 9.31 7.80
CA ARG A 148 6.90 8.22 6.89
C ARG A 148 5.58 8.45 6.17
N THR A 149 5.38 7.74 5.06
CA THR A 149 4.17 7.89 4.28
C THR A 149 3.58 6.56 3.76
N GLN A 150 2.73 6.64 2.74
CA GLN A 150 1.86 5.52 2.31
C GLN A 150 2.48 4.20 1.86
N GLU A 151 3.55 4.22 1.06
CA GLU A 151 4.06 3.01 0.39
C GLU A 151 3.04 2.48 -0.63
N SER A 152 2.21 3.40 -1.13
CA SER A 152 1.29 3.13 -2.23
C SER A 152 0.86 4.47 -2.83
N GLU A 153 0.05 4.43 -3.87
CA GLU A 153 -0.23 5.60 -4.68
C GLU A 153 -0.93 6.71 -3.90
N CYS A 154 -0.62 7.97 -4.20
CA CYS A 154 -1.38 9.10 -3.65
C CYS A 154 -2.56 9.34 -4.59
N VAL A 155 -3.38 10.35 -4.34
CA VAL A 155 -4.55 10.58 -5.22
C VAL A 155 -4.72 12.05 -5.57
N CYS A 156 -4.94 12.32 -6.85
CA CYS A 156 -5.10 13.70 -7.29
C CYS A 156 -6.43 13.92 -7.93
N ILE A 157 -7.11 14.96 -7.48
CA ILE A 157 -8.38 15.35 -8.08
C ILE A 157 -8.19 16.80 -8.47
N ASN A 158 -8.58 17.11 -9.70
CA ASN A 158 -8.51 18.46 -10.26
C ASN A 158 -7.18 19.15 -10.08
N GLY A 159 -6.11 18.38 -9.99
CA GLY A 159 -4.76 18.94 -9.87
C GLY A 159 -4.37 19.22 -8.44
N THR A 160 -5.20 18.79 -7.50
CA THR A 160 -4.81 18.79 -6.09
C THR A 160 -4.58 17.35 -5.67
N CYS A 161 -3.34 17.05 -5.34
CA CYS A 161 -2.99 15.70 -4.90
C CYS A 161 -3.00 15.68 -3.41
N THR A 162 -3.46 14.58 -2.85
CA THR A 162 -3.37 14.47 -1.41
C THR A 162 -2.50 13.27 -1.02
N VAL A 163 -1.83 13.36 0.13
CA VAL A 163 -1.03 12.25 0.68
C VAL A 163 -1.06 12.30 2.20
N VAL A 164 -1.07 11.11 2.82
CA VAL A 164 -1.04 10.96 4.27
C VAL A 164 0.34 10.61 4.78
N MET A 165 0.86 11.42 5.71
CA MET A 165 2.15 11.19 6.34
C MET A 165 2.06 11.13 7.86
N THR A 166 3.03 10.44 8.47
CA THR A 166 3.02 10.15 9.89
C THR A 166 4.41 10.34 10.49
N ASP A 167 4.45 10.96 11.66
CA ASP A 167 5.67 11.19 12.39
C ASP A 167 5.34 10.90 13.85
N GLY A 168 6.19 10.11 14.48
CA GLY A 168 5.96 9.76 15.87
C GLY A 168 6.04 8.28 16.11
N SER A 169 5.41 7.85 17.19
CA SER A 169 5.50 6.47 17.65
C SER A 169 4.72 5.48 16.82
N ALA A 170 5.30 4.30 16.66
CA ALA A 170 4.68 3.18 15.99
C ALA A 170 3.76 2.40 16.93
N SER A 171 3.90 2.65 18.24
CA SER A 171 3.17 1.87 19.25
C SER A 171 2.65 2.75 20.37
N GLY A 172 2.26 3.96 20.00
CA GLY A 172 1.71 4.93 20.91
C GLY A 172 1.09 5.95 19.99
N LYS A 173 0.60 7.04 20.57
CA LYS A 173 0.07 8.16 19.83
C LYS A 173 1.17 8.70 18.92
N ALA A 174 0.86 8.83 17.63
CA ALA A 174 1.77 9.48 16.69
C ALA A 174 1.11 10.73 16.11
N ASP A 175 1.84 11.47 15.27
CA ASP A 175 1.34 12.71 14.66
C ASP A 175 1.21 12.57 13.14
N THR A 176 -0.01 12.24 12.74
CA THR A 176 -0.40 12.01 11.35
C THR A 176 -0.97 13.30 10.77
N LYS A 177 -0.60 13.59 9.52
CA LYS A 177 -1.05 14.77 8.78
C LYS A 177 -1.41 14.38 7.35
N ILE A 178 -2.23 15.21 6.71
CA ILE A 178 -2.63 15.02 5.33
C ILE A 178 -2.24 16.27 4.55
N LEU A 179 -1.34 16.09 3.57
CA LEU A 179 -0.87 17.21 2.78
C LEU A 179 -1.66 17.34 1.46
N PHE A 180 -1.81 18.58 1.01
CA PHE A 180 -2.43 18.87 -0.26
C PHE A 180 -1.41 19.57 -1.15
N ILE A 181 -1.28 19.06 -2.36
CA ILE A 181 -0.14 19.37 -3.19
C ILE A 181 -0.62 19.69 -4.59
N GLU A 182 -0.29 20.88 -5.04
CA GLU A 182 -0.62 21.31 -6.39
C GLU A 182 0.66 21.59 -7.14
N GLU A 183 0.91 20.77 -8.14
CA GLU A 183 2.13 20.82 -8.94
C GLU A 183 3.44 20.66 -8.12
N GLY A 184 3.40 19.79 -7.12
CA GLY A 184 4.58 19.56 -6.28
C GLY A 184 4.71 20.53 -5.11
N LYS A 185 3.87 21.56 -5.13
CA LYS A 185 3.85 22.57 -4.07
C LYS A 185 2.83 22.24 -2.98
N ILE A 186 3.32 22.03 -1.75
CA ILE A 186 2.46 21.92 -0.58
C ILE A 186 1.64 23.19 -0.34
N VAL A 187 0.35 23.13 -0.64
CA VAL A 187 -0.52 24.29 -0.56
C VAL A 187 -1.35 24.31 0.73
N HIS A 188 -1.35 23.18 1.43
CA HIS A 188 -1.98 23.08 2.72
C HIS A 188 -1.55 21.84 3.48
N THR A 189 -1.74 21.87 4.79
CA THR A 189 -1.54 20.72 5.66
C THR A 189 -2.69 20.71 6.65
N SER A 190 -3.51 19.68 6.60
CA SER A 190 -4.51 19.41 7.63
C SER A 190 -3.92 18.34 8.55
N THR A 191 -4.18 18.46 9.85
CA THR A 191 -3.75 17.44 10.81
C THR A 191 -4.87 16.42 11.00
N LEU A 192 -4.49 15.19 11.38
CA LEU A 192 -5.47 14.11 11.54
C LEU A 192 -6.54 14.42 12.59
N SER A 193 -7.77 14.07 12.27
CA SER A 193 -8.92 14.31 13.13
C SER A 193 -9.92 13.14 13.06
N GLY A 194 -10.82 13.05 14.04
CA GLY A 194 -11.82 11.98 14.05
C GLY A 194 -11.38 10.82 14.94
N SER A 195 -12.06 9.68 14.84
CA SER A 195 -11.87 8.62 15.84
C SER A 195 -10.70 7.65 15.62
N ALA A 196 -10.01 7.76 14.48
CA ALA A 196 -8.88 6.88 14.17
C ALA A 196 -7.73 7.20 15.10
N GLN A 197 -7.24 6.20 15.84
CA GLN A 197 -6.29 6.50 16.90
C GLN A 197 -4.83 6.33 16.48
N HIS A 198 -4.57 5.44 15.54
CA HIS A 198 -3.22 5.22 15.04
C HIS A 198 -3.25 4.83 13.58
N VAL A 199 -2.57 5.63 12.77
CA VAL A 199 -2.77 5.64 11.33
C VAL A 199 -1.46 5.59 10.58
N GLU A 200 -1.33 4.57 9.75
CA GLU A 200 -0.13 4.33 8.99
C GLU A 200 -0.36 3.69 7.64
N GLU A 201 0.60 3.90 6.74
CA GLU A 201 0.64 3.26 5.44
C GLU A 201 -0.74 3.22 4.76
N CYS A 202 -1.35 4.39 4.60
CA CYS A 202 -2.70 4.44 4.04
C CYS A 202 -2.78 3.98 2.60
N SER A 203 -3.85 3.24 2.29
CA SER A 203 -4.19 2.88 0.93
C SER A 203 -5.37 3.72 0.46
N CYS A 204 -5.08 4.73 -0.34
CA CYS A 204 -6.10 5.71 -0.72
C CYS A 204 -6.60 5.57 -2.15
N TYR A 205 -7.85 5.97 -2.36
CA TYR A 205 -8.44 5.93 -3.67
C TYR A 205 -9.44 7.05 -3.90
N PRO A 206 -9.56 7.50 -5.14
CA PRO A 206 -10.51 8.58 -5.37
C PRO A 206 -11.97 8.15 -5.21
N ARG A 207 -12.70 8.88 -4.37
CA ARG A 207 -14.10 8.62 -4.18
C ARG A 207 -14.84 9.95 -4.38
N TYR A 208 -14.94 10.36 -5.63
CA TYR A 208 -15.45 11.70 -5.97
C TYR A 208 -16.63 12.19 -5.12
N PRO A 209 -16.53 13.40 -4.54
CA PRO A 209 -15.53 14.45 -4.80
C PRO A 209 -14.30 14.40 -3.88
N GLY A 210 -14.15 13.32 -3.12
CA GLY A 210 -13.08 13.27 -2.15
C GLY A 210 -12.12 12.13 -2.37
N VAL A 211 -11.34 11.83 -1.34
CA VAL A 211 -10.39 10.73 -1.35
C VAL A 211 -10.68 9.90 -0.11
N ARG A 212 -10.59 8.59 -0.25
CA ARG A 212 -10.77 7.72 0.89
C ARG A 212 -9.56 6.81 1.04
N CYS A 213 -9.21 6.50 2.28
CA CYS A 213 -8.01 5.75 2.60
C CYS A 213 -8.34 4.69 3.63
N VAL A 214 -7.65 3.57 3.57
CA VAL A 214 -7.81 2.52 4.56
C VAL A 214 -6.42 2.17 5.05
N CYS A 215 -6.21 2.35 6.34
CA CYS A 215 -4.85 2.43 6.81
C CYS A 215 -4.51 1.24 7.71
N ARG A 216 -3.38 1.33 8.40
CA ARG A 216 -2.95 0.29 9.31
C ARG A 216 -2.86 0.91 10.70
N ASP A 217 -3.52 0.29 11.67
CA ASP A 217 -3.40 0.67 13.08
C ASP A 217 -2.32 -0.20 13.69
N ASN A 218 -1.19 0.40 14.02
CA ASN A 218 -0.07 -0.37 14.50
C ASN A 218 -0.07 -0.56 16.01
N TRP A 219 -1.05 0.05 16.68
CA TRP A 219 -1.05 0.23 18.13
C TRP A 219 -2.01 -0.69 18.91
N LYS A 220 -3.31 -0.41 18.81
CA LYS A 220 -4.33 -1.15 19.56
C LYS A 220 -5.45 -1.71 18.68
N GLY A 221 -5.29 -1.65 17.37
CA GLY A 221 -6.36 -2.07 16.49
C GLY A 221 -5.95 -3.07 15.44
N SER A 222 -6.66 -4.19 15.37
CA SER A 222 -6.54 -5.14 14.26
C SER A 222 -7.64 -4.91 13.22
N ASN A 223 -8.67 -4.13 13.55
CA ASN A 223 -9.51 -3.53 12.53
C ASN A 223 -8.70 -2.39 11.88
N ARG A 224 -9.06 -2.00 10.66
CA ARG A 224 -8.28 -1.00 9.95
C ARG A 224 -8.93 0.37 10.01
N PRO A 225 -8.13 1.42 10.24
CA PRO A 225 -8.64 2.78 10.20
C PRO A 225 -9.07 3.19 8.80
N ILE A 226 -10.04 4.10 8.73
CA ILE A 226 -10.48 4.72 7.51
C ILE A 226 -10.17 6.20 7.68
N VAL A 227 -9.67 6.86 6.63
CA VAL A 227 -9.47 8.31 6.64
C VAL A 227 -10.20 8.97 5.45
N ASP A 228 -11.05 9.96 5.71
CA ASP A 228 -11.78 10.65 4.63
C ASP A 228 -11.27 12.05 4.37
N ILE A 229 -10.75 12.27 3.17
CA ILE A 229 -10.08 13.51 2.84
C ILE A 229 -10.94 14.37 1.90
N ASN A 230 -11.32 15.56 2.36
CA ASN A 230 -12.12 16.48 1.54
C ASN A 230 -11.18 17.42 0.79
N ILE A 231 -11.12 17.27 -0.53
CA ILE A 231 -10.08 17.90 -1.32
C ILE A 231 -10.27 19.42 -1.43
N LYS A 232 -11.52 19.87 -1.39
CA LYS A 232 -11.86 21.29 -1.64
C LYS A 232 -11.71 22.19 -0.41
N ASP A 233 -12.29 21.76 0.72
CA ASP A 233 -12.18 22.51 1.97
C ASP A 233 -11.10 21.97 2.97
N HIS A 234 -10.40 20.90 2.59
CA HIS A 234 -9.28 20.31 3.37
C HIS A 234 -9.66 19.65 4.69
N SER A 235 -10.96 19.48 4.95
CA SER A 235 -11.39 18.82 6.18
C SER A 235 -11.05 17.34 6.17
N ILE A 236 -10.85 16.78 7.35
CA ILE A 236 -10.51 15.37 7.54
C ILE A 236 -11.55 14.77 8.49
N VAL A 237 -11.95 13.52 8.25
CA VAL A 237 -12.67 12.72 9.24
C VAL A 237 -12.04 11.33 9.28
N SER A 238 -12.22 10.62 10.37
CA SER A 238 -11.64 9.29 10.49
C SER A 238 -12.45 8.38 11.41
N SER A 239 -12.23 7.07 11.23
CA SER A 239 -12.99 6.02 11.91
C SER A 239 -12.32 4.68 11.59
N TYR A 240 -13.08 3.58 11.64
CA TYR A 240 -12.54 2.24 11.34
C TYR A 240 -13.49 1.41 10.48
N VAL A 241 -12.93 0.39 9.82
CA VAL A 241 -13.72 -0.55 8.99
C VAL A 241 -14.58 -1.41 9.92
N CYS A 242 -15.89 -1.22 9.80
CA CYS A 242 -16.88 -1.85 10.69
C CYS A 242 -16.78 -3.37 10.70
N SER A 243 -16.72 -3.99 9.52
CA SER A 243 -16.65 -5.45 9.35
C SER A 243 -16.06 -6.26 10.52
N GLY A 244 -16.83 -7.25 10.96
CA GLY A 244 -16.40 -8.15 12.01
C GLY A 244 -15.25 -9.07 11.63
N LEU A 245 -15.06 -9.29 10.33
CA LEU A 245 -13.84 -9.95 9.84
C LEU A 245 -12.88 -8.81 9.53
N VAL A 246 -11.76 -8.80 10.23
CA VAL A 246 -10.89 -7.64 10.26
C VAL A 246 -9.71 -7.89 9.32
N GLY A 247 -9.10 -6.81 8.83
CA GLY A 247 -8.11 -6.90 7.75
C GLY A 247 -6.64 -6.81 8.10
N ASP A 248 -6.32 -6.41 9.33
CA ASP A 248 -4.91 -6.36 9.78
C ASP A 248 -4.35 -7.75 10.08
N THR A 249 -3.04 -7.82 10.31
CA THR A 249 -2.33 -9.03 10.73
C THR A 249 -1.18 -8.52 11.62
N PRO A 250 -1.02 -9.06 12.84
CA PRO A 250 -1.85 -10.06 13.54
C PRO A 250 -3.31 -9.65 13.75
N ARG A 251 -4.12 -10.64 14.07
CA ARG A 251 -5.52 -10.48 14.44
C ARG A 251 -5.96 -11.75 15.14
N LYS A 252 -7.15 -11.73 15.71
CA LYS A 252 -7.79 -12.93 16.27
C LYS A 252 -8.41 -13.75 15.13
N ASN A 253 -8.79 -15.00 15.43
CA ASN A 253 -9.48 -15.85 14.46
C ASN A 253 -10.91 -15.36 14.19
N ASP A 254 -11.54 -15.87 13.12
CA ASP A 254 -12.87 -15.42 12.67
C ASP A 254 -14.00 -15.60 13.71
N SER A 255 -13.90 -16.66 14.51
CA SER A 255 -14.90 -16.95 15.54
C SER A 255 -14.76 -16.03 16.75
N SER A 256 -13.52 -15.61 17.04
CA SER A 256 -13.21 -14.73 18.19
C SER A 256 -13.16 -13.24 17.88
N SER A 257 -12.77 -12.88 16.66
CA SER A 257 -12.60 -11.46 16.29
C SER A 257 -13.85 -10.65 16.54
N SER A 258 -13.68 -9.37 16.85
CA SER A 258 -14.76 -8.38 16.73
C SER A 258 -14.15 -7.05 16.29
N SER A 259 -15.02 -6.08 16.01
CA SER A 259 -14.62 -4.80 15.44
C SER A 259 -15.54 -3.71 16.01
N HIS A 260 -15.37 -2.48 15.54
CA HIS A 260 -16.12 -1.32 16.04
C HIS A 260 -15.95 -0.27 14.95
N CYS A 261 -17.04 0.42 14.61
CA CYS A 261 -16.98 1.44 13.55
C CYS A 261 -16.14 2.68 13.89
N LEU A 262 -15.91 2.95 15.19
CA LEU A 262 -15.24 4.18 15.64
C LEU A 262 -13.89 4.02 16.36
N ASP A 263 -13.69 2.91 17.07
CA ASP A 263 -12.50 2.73 17.92
C ASP A 263 -11.63 1.54 17.51
N PRO A 264 -10.35 1.51 17.94
CA PRO A 264 -9.61 0.25 17.72
C PRO A 264 -10.23 -0.87 18.52
N ASN A 265 -10.18 -2.09 18.02
CA ASN A 265 -10.87 -3.20 18.66
C ASN A 265 -10.15 -3.75 19.88
N ASN A 266 -8.89 -3.36 20.07
CA ASN A 266 -8.05 -3.88 21.15
C ASN A 266 -7.84 -5.37 21.11
N GLU A 267 -7.62 -5.92 19.92
CA GLU A 267 -7.44 -7.35 19.77
C GLU A 267 -6.17 -7.63 18.99
N GLU A 268 -5.12 -8.05 19.69
CA GLU A 268 -3.79 -8.24 19.10
C GLU A 268 -3.40 -7.00 18.26
N GLY A 269 -3.77 -5.83 18.77
CA GLY A 269 -3.67 -4.58 18.01
C GLY A 269 -2.25 -4.21 17.65
N GLY A 270 -1.31 -4.59 18.53
CA GLY A 270 0.10 -4.28 18.35
C GLY A 270 0.55 -4.78 16.99
N HIS A 271 1.40 -4.00 16.33
CA HIS A 271 1.85 -4.34 14.98
C HIS A 271 0.69 -4.30 13.95
N GLY A 272 1.02 -4.73 12.74
CA GLY A 272 0.08 -4.76 11.64
C GLY A 272 0.82 -5.10 10.36
N VAL A 273 0.09 -4.98 9.26
CA VAL A 273 0.65 -5.08 7.93
C VAL A 273 -0.11 -4.07 7.08
N LYS A 274 0.54 -3.50 6.08
CA LYS A 274 -0.15 -2.58 5.19
C LYS A 274 -1.21 -3.37 4.43
N GLY A 275 -2.36 -2.74 4.18
CA GLY A 275 -3.46 -3.38 3.50
C GLY A 275 -4.51 -2.39 3.01
N TRP A 276 -5.65 -2.92 2.61
CA TRP A 276 -6.58 -2.13 1.86
C TRP A 276 -8.00 -2.64 2.01
N ALA A 277 -8.96 -1.78 1.66
CA ALA A 277 -10.39 -2.06 1.65
C ALA A 277 -11.08 -0.96 0.85
N PHE A 278 -12.25 -1.25 0.30
CA PHE A 278 -13.07 -0.20 -0.31
C PHE A 278 -14.58 -0.48 -0.20
N ASP A 279 -15.38 0.60 -0.13
CA ASP A 279 -16.83 0.45 0.02
C ASP A 279 -17.52 0.11 -1.30
N ASP A 280 -18.63 -0.59 -1.17
CA ASP A 280 -19.49 -0.99 -2.27
C ASP A 280 -20.86 -0.97 -1.64
N GLY A 281 -21.58 0.14 -1.85
CA GLY A 281 -22.80 0.44 -1.08
C GLY A 281 -22.49 0.41 0.41
N ASN A 282 -23.10 -0.55 1.11
CA ASN A 282 -22.84 -0.78 2.54
C ASN A 282 -21.97 -2.02 2.75
N ASP A 283 -21.53 -2.62 1.65
CA ASP A 283 -20.65 -3.77 1.76
C ASP A 283 -19.20 -3.33 1.60
N VAL A 284 -18.28 -4.13 2.14
CA VAL A 284 -16.87 -3.85 1.97
C VAL A 284 -16.15 -4.94 1.19
N TRP A 285 -15.39 -4.54 0.17
CA TRP A 285 -14.36 -5.42 -0.41
C TRP A 285 -13.05 -5.23 0.35
N MET A 286 -12.38 -6.34 0.65
CA MET A 286 -11.15 -6.28 1.45
C MET A 286 -10.23 -7.46 1.20
N GLY A 287 -8.94 -7.21 1.23
CA GLY A 287 -7.97 -8.26 1.12
C GLY A 287 -7.38 -8.45 2.49
N ARG A 288 -6.68 -9.55 2.71
CA ARG A 288 -5.93 -9.75 3.97
C ARG A 288 -5.10 -11.02 3.92
N THR A 289 -4.06 -11.13 4.77
CA THR A 289 -3.33 -12.39 4.84
C THR A 289 -4.28 -13.46 5.32
N ILE A 290 -4.04 -14.69 4.89
CA ILE A 290 -4.86 -15.81 5.33
C ILE A 290 -4.51 -16.20 6.77
N ASN A 291 -3.21 -16.44 7.06
CA ASN A 291 -2.71 -16.77 8.41
C ASN A 291 -2.86 -15.58 9.35
N GLU A 292 -3.54 -15.78 10.48
CA GLU A 292 -3.99 -14.66 11.35
C GLU A 292 -2.87 -13.91 12.08
N THR A 293 -1.68 -14.49 12.12
CA THR A 293 -0.60 -13.97 12.95
C THR A 293 0.67 -13.65 12.17
N SER A 294 0.84 -14.26 11.00
CA SER A 294 2.00 -13.98 10.13
C SER A 294 1.60 -13.64 8.68
N ARG A 295 2.58 -13.19 7.90
CA ARG A 295 2.33 -12.75 6.53
C ARG A 295 2.38 -13.95 5.59
N LEU A 296 1.48 -14.90 5.83
CA LEU A 296 1.35 -16.10 5.03
C LEU A 296 -0.01 -16.15 4.36
N GLY A 297 0.00 -16.47 3.07
CA GLY A 297 -1.21 -16.51 2.27
C GLY A 297 -1.78 -15.13 2.02
N TYR A 298 -2.76 -15.04 1.14
CA TYR A 298 -3.51 -13.80 0.92
C TYR A 298 -4.86 -14.11 0.29
N GLU A 299 -5.89 -13.50 0.84
CA GLU A 299 -7.24 -13.71 0.38
C GLU A 299 -7.95 -12.40 0.19
N THR A 300 -8.98 -12.41 -0.63
CA THR A 300 -9.90 -11.29 -0.75
C THR A 300 -11.31 -11.85 -0.62
N PHE A 301 -12.22 -11.03 -0.09
CA PHE A 301 -13.64 -11.35 -0.09
C PHE A 301 -14.51 -10.10 0.04
N LYS A 302 -15.80 -10.29 -0.12
CA LYS A 302 -16.79 -9.27 0.19
C LYS A 302 -17.42 -9.66 1.53
N VAL A 303 -17.58 -8.68 2.41
CA VAL A 303 -18.34 -8.84 3.64
C VAL A 303 -19.60 -8.04 3.41
N ILE A 304 -20.75 -8.73 3.43
CA ILE A 304 -22.03 -8.07 3.17
C ILE A 304 -22.37 -7.26 4.42
N GLU A 305 -22.86 -6.05 4.20
CA GLU A 305 -23.06 -5.05 5.28
C GLU A 305 -21.77 -4.69 6.05
N GLY A 306 -20.63 -5.12 5.52
CA GLY A 306 -19.34 -4.97 6.19
C GLY A 306 -18.81 -3.56 6.37
N TRP A 307 -19.43 -2.61 5.69
CA TRP A 307 -19.02 -1.22 5.78
C TRP A 307 -19.79 -0.47 6.85
N SER A 308 -21.02 -0.90 7.13
CA SER A 308 -21.90 -0.21 8.08
C SER A 308 -22.16 -0.97 9.39
N ASN A 309 -21.98 -2.28 9.37
CA ASN A 309 -22.36 -3.11 10.48
C ASN A 309 -21.14 -3.79 11.12
N PRO A 310 -20.75 -3.36 12.32
CA PRO A 310 -19.56 -3.92 12.96
C PRO A 310 -19.76 -5.32 13.54
N LYS A 311 -20.99 -5.83 13.48
CA LYS A 311 -21.32 -7.17 13.95
C LYS A 311 -21.38 -8.16 12.77
N SER A 312 -21.36 -7.62 11.56
CA SER A 312 -21.52 -8.39 10.31
C SER A 312 -20.27 -9.14 9.92
N LYS A 313 -20.43 -10.44 9.72
CA LYS A 313 -19.32 -11.34 9.38
C LYS A 313 -19.77 -12.28 8.27
N LEU A 314 -20.58 -11.72 7.36
CA LEU A 314 -21.12 -12.45 6.22
C LEU A 314 -20.27 -12.24 4.96
N GLN A 315 -19.25 -13.08 4.79
CA GLN A 315 -18.42 -12.99 3.60
C GLN A 315 -19.02 -13.81 2.47
N ILE A 316 -18.86 -13.31 1.25
CA ILE A 316 -19.16 -14.03 0.03
C ILE A 316 -18.02 -13.71 -0.96
N ASN A 317 -17.93 -14.48 -2.04
CA ASN A 317 -17.00 -14.21 -3.14
C ASN A 317 -15.52 -14.30 -2.72
N ARG A 318 -15.21 -15.17 -1.77
CA ARG A 318 -13.80 -15.34 -1.38
C ARG A 318 -12.93 -15.74 -2.56
N GLN A 319 -11.73 -15.20 -2.63
CA GLN A 319 -10.71 -15.68 -3.56
C GLN A 319 -9.37 -15.86 -2.84
N VAL A 320 -8.74 -17.00 -3.06
CA VAL A 320 -7.35 -17.16 -2.65
C VAL A 320 -6.47 -16.52 -3.72
N ILE A 321 -5.66 -15.54 -3.33
CA ILE A 321 -4.64 -14.97 -4.21
C ILE A 321 -3.30 -15.71 -4.06
N VAL A 322 -2.86 -15.92 -2.82
CA VAL A 322 -1.64 -16.67 -2.53
C VAL A 322 -2.02 -17.66 -1.45
N ASP A 323 -1.76 -18.93 -1.70
CA ASP A 323 -2.22 -19.97 -0.79
C ASP A 323 -1.52 -19.87 0.59
N ARG A 324 -2.22 -20.38 1.61
CA ARG A 324 -1.83 -20.21 3.01
C ARG A 324 -0.45 -20.74 3.41
N GLY A 325 0.19 -21.55 2.55
CA GLY A 325 1.53 -22.05 2.84
C GLY A 325 2.64 -21.22 2.18
N ASN A 326 2.23 -20.15 1.51
CA ASN A 326 3.17 -19.28 0.79
C ASN A 326 3.17 -17.86 1.33
N ARG A 327 4.35 -17.23 1.36
CA ARG A 327 4.50 -15.91 1.98
C ARG A 327 3.82 -14.80 1.20
N SER A 328 3.25 -13.86 1.92
CA SER A 328 2.67 -12.70 1.29
C SER A 328 3.42 -11.46 1.80
N GLY A 329 2.70 -10.46 2.27
CA GLY A 329 3.32 -9.23 2.72
C GLY A 329 2.36 -8.07 2.53
N TYR A 330 2.91 -6.90 2.29
CA TYR A 330 2.14 -5.68 2.11
C TYR A 330 1.17 -5.87 0.94
N SER A 331 0.07 -5.14 0.98
CA SER A 331 -0.78 -5.06 -0.18
C SER A 331 -1.38 -3.69 -0.15
N GLY A 332 -1.92 -3.22 -1.27
CA GLY A 332 -2.48 -1.86 -1.35
C GLY A 332 -3.33 -1.70 -2.59
N ILE A 333 -4.16 -0.66 -2.60
CA ILE A 333 -5.07 -0.38 -3.70
C ILE A 333 -4.39 0.50 -4.71
N PHE A 334 -4.86 0.40 -5.95
CA PHE A 334 -4.69 1.45 -6.94
C PHE A 334 -5.94 1.51 -7.83
N SER A 335 -6.20 2.68 -8.40
CA SER A 335 -7.44 2.95 -9.13
C SER A 335 -7.16 3.28 -10.59
N VAL A 336 -7.88 2.59 -11.47
CA VAL A 336 -7.70 2.72 -12.92
C VAL A 336 -9.02 3.17 -13.56
N GLU A 337 -8.95 4.20 -14.40
CA GLU A 337 -10.12 4.78 -15.01
C GLU A 337 -10.51 4.04 -16.29
N GLY A 338 -11.77 3.59 -16.34
CA GLY A 338 -12.33 2.98 -17.55
C GLY A 338 -13.10 4.01 -18.36
N LYS A 339 -13.80 3.52 -19.40
CA LYS A 339 -14.58 4.37 -20.28
C LYS A 339 -15.70 5.05 -19.50
N SER A 340 -16.34 4.29 -18.61
CA SER A 340 -17.54 4.72 -17.90
C SER A 340 -17.41 4.69 -16.38
N CYS A 341 -16.40 3.99 -15.88
CA CYS A 341 -16.24 3.78 -14.44
C CYS A 341 -14.78 3.75 -13.94
N ILE A 342 -14.60 3.85 -12.62
CA ILE A 342 -13.27 3.72 -12.03
C ILE A 342 -13.14 2.31 -11.41
N ASN A 343 -12.12 1.58 -11.86
CA ASN A 343 -11.86 0.25 -11.34
C ASN A 343 -10.95 0.28 -10.13
N ARG A 344 -11.00 -0.79 -9.33
CA ARG A 344 -10.13 -0.95 -8.18
C ARG A 344 -9.28 -2.16 -8.42
N CYS A 345 -7.99 -2.00 -8.24
CA CYS A 345 -7.06 -3.10 -8.40
C CYS A 345 -6.17 -3.11 -7.18
N PHE A 346 -5.47 -4.20 -6.97
CA PHE A 346 -4.61 -4.28 -5.80
C PHE A 346 -3.39 -5.14 -6.07
N TYR A 347 -2.27 -4.78 -5.46
CA TYR A 347 -1.01 -5.51 -5.64
C TYR A 347 -0.75 -6.19 -4.31
N VAL A 348 0.10 -7.22 -4.33
CA VAL A 348 0.49 -7.90 -3.11
C VAL A 348 2.00 -8.10 -3.12
N GLU A 349 2.67 -7.66 -2.08
CA GLU A 349 4.09 -7.85 -1.97
C GLU A 349 4.38 -9.29 -1.51
N LEU A 350 5.05 -10.08 -2.34
CA LEU A 350 5.46 -11.43 -1.91
C LEU A 350 6.88 -11.42 -1.32
N ILE A 351 6.97 -11.29 0.00
CA ILE A 351 8.29 -11.17 0.66
C ILE A 351 9.01 -12.51 0.81
N ARG A 352 10.29 -12.52 0.46
CA ARG A 352 11.19 -13.68 0.65
C ARG A 352 12.43 -13.27 1.41
N GLY A 353 13.02 -14.23 2.15
CA GLY A 353 14.28 -14.04 2.86
C GLY A 353 14.11 -13.80 4.36
N ARG A 354 15.11 -13.13 4.95
CA ARG A 354 15.14 -12.84 6.39
C ARG A 354 14.04 -11.87 6.84
N LYS A 355 13.68 -11.86 8.14
CA LYS A 355 14.15 -12.81 9.16
C LYS A 355 13.50 -14.18 9.06
N GLU A 356 12.30 -14.22 8.49
CA GLU A 356 11.47 -15.42 8.50
C GLU A 356 12.13 -16.62 7.77
N GLU A 357 12.70 -16.39 6.59
CA GLU A 357 13.42 -17.44 5.88
C GLU A 357 14.93 -17.29 6.04
N THR A 358 15.57 -18.30 6.62
CA THR A 358 16.98 -18.23 7.00
C THR A 358 17.97 -18.83 6.00
N GLU A 359 17.47 -19.46 4.93
CA GLU A 359 18.32 -20.07 3.88
C GLU A 359 19.25 -19.08 3.15
N VAL A 360 18.87 -17.79 3.13
CA VAL A 360 19.70 -16.74 2.53
C VAL A 360 19.93 -15.60 3.51
N LEU A 361 20.77 -14.64 3.13
CA LEU A 361 21.08 -13.49 3.97
C LEU A 361 20.23 -12.25 3.63
N TRP A 362 19.51 -12.32 2.52
CA TRP A 362 18.83 -11.13 2.02
C TRP A 362 17.33 -11.09 2.33
N THR A 363 16.72 -9.94 2.08
CA THR A 363 15.30 -9.78 2.20
C THR A 363 14.87 -9.04 0.96
N SER A 364 13.98 -9.65 0.19
CA SER A 364 13.48 -9.07 -1.03
C SER A 364 11.99 -9.39 -1.21
N ASN A 365 11.44 -9.03 -2.36
CA ASN A 365 10.05 -9.30 -2.68
C ASN A 365 9.81 -9.40 -4.18
N SER A 366 8.74 -10.09 -4.56
CA SER A 366 8.18 -9.99 -5.91
C SER A 366 6.75 -9.53 -5.76
N ILE A 367 6.07 -9.32 -6.87
CA ILE A 367 4.71 -8.81 -6.76
C ILE A 367 3.76 -9.58 -7.68
N VAL A 368 2.50 -9.52 -7.28
CA VAL A 368 1.42 -10.08 -8.05
C VAL A 368 0.32 -9.04 -7.97
N VAL A 369 -0.45 -8.88 -9.04
CA VAL A 369 -1.37 -7.73 -9.19
C VAL A 369 -2.70 -8.23 -9.76
N PHE A 370 -3.78 -7.92 -9.07
CA PHE A 370 -5.11 -8.30 -9.54
C PHE A 370 -5.95 -7.05 -9.74
N CYS A 371 -6.94 -7.14 -10.61
CA CYS A 371 -7.84 -6.01 -10.87
C CYS A 371 -9.32 -6.40 -10.73
N GLY A 372 -10.11 -5.45 -10.22
CA GLY A 372 -11.57 -5.54 -10.24
C GLY A 372 -12.07 -6.03 -11.56
N THR A 373 -13.11 -6.85 -11.53
CA THR A 373 -13.77 -7.39 -12.73
C THR A 373 -15.27 -7.49 -12.55
N SER A 374 -16.03 -7.16 -13.60
CA SER A 374 -17.48 -7.28 -13.56
C SER A 374 -17.90 -8.53 -14.32
N GLY A 375 -16.91 -9.24 -14.87
CA GLY A 375 -17.13 -10.57 -15.44
C GLY A 375 -16.99 -11.69 -14.41
N THR A 376 -16.51 -12.86 -14.85
CA THR A 376 -16.40 -14.02 -13.98
C THR A 376 -14.95 -14.49 -13.89
N TYR A 377 -14.68 -15.45 -13.02
CA TYR A 377 -13.32 -15.85 -12.73
C TYR A 377 -13.39 -17.17 -12.02
N GLY A 378 -12.25 -17.84 -11.93
CA GLY A 378 -12.17 -19.12 -11.27
C GLY A 378 -11.24 -19.07 -10.09
N THR A 379 -10.29 -19.98 -10.07
CA THR A 379 -9.42 -20.10 -8.89
C THR A 379 -7.97 -20.37 -9.26
N GLY A 380 -7.10 -20.10 -8.28
CA GLY A 380 -5.72 -20.56 -8.30
C GLY A 380 -4.92 -19.97 -7.16
N SER A 381 -3.61 -20.07 -7.27
CA SER A 381 -2.69 -19.48 -6.30
C SER A 381 -1.50 -18.98 -7.10
N TRP A 382 -0.99 -17.81 -6.73
CA TRP A 382 0.13 -17.24 -7.47
C TRP A 382 1.25 -16.76 -6.57
N PRO A 383 2.00 -17.70 -5.98
CA PRO A 383 3.04 -17.34 -5.04
C PRO A 383 4.32 -16.79 -5.71
N ASP A 384 5.32 -16.51 -4.89
CA ASP A 384 6.61 -16.06 -5.38
C ASP A 384 7.23 -17.12 -6.28
N GLY A 385 7.32 -18.35 -5.77
CA GLY A 385 7.82 -19.47 -6.53
C GLY A 385 9.31 -19.55 -6.72
N ALA A 386 10.08 -18.84 -5.91
CA ALA A 386 11.51 -19.03 -5.91
C ALA A 386 11.89 -20.15 -4.93
N ASP A 387 12.95 -20.89 -5.24
CA ASP A 387 13.46 -21.91 -4.31
C ASP A 387 14.67 -21.38 -3.58
N LEU A 388 14.47 -20.92 -2.35
CA LEU A 388 15.58 -20.32 -1.59
C LEU A 388 16.66 -21.32 -1.15
N ASN A 389 16.39 -22.61 -1.34
CA ASN A 389 17.43 -23.62 -1.11
C ASN A 389 18.47 -23.65 -2.23
N LEU A 390 18.06 -23.23 -3.41
CA LEU A 390 18.90 -23.31 -4.59
C LEU A 390 19.52 -21.97 -4.98
N MET A 391 19.04 -20.88 -4.37
CA MET A 391 19.40 -19.52 -4.78
C MET A 391 20.85 -19.16 -4.41
N PRO A 392 21.38 -18.03 -4.97
CA PRO A 392 22.71 -17.48 -4.66
C PRO A 392 23.16 -17.72 -3.21
N ILE A 393 23.98 -18.77 -3.07
CA ILE A 393 24.42 -19.29 -1.77
C ILE A 393 25.38 -18.30 -1.12
#